data_7V6U
#
_entry.id   7V6U
#
_cell.length_a   82.871
_cell.length_b   76.825
_cell.length_c   58.207
_cell.angle_alpha   90.000
_cell.angle_beta   134.660
_cell.angle_gamma   90.000
#
_symmetry.space_group_name_H-M   'C 1 2 1'
#
loop_
_entity.id
_entity.type
_entity.pdbx_description
1 polymer 'Murein DD-endopeptidase MepS/Murein LD-carboxypeptidase'
2 non-polymer D-MALATE
3 non-polymer 1,2-ETHANEDIOL
4 water water
#
_entity_poly.entity_id   1
_entity_poly.type   'polypeptide(L)'
_entity_poly.pdbx_seq_one_letter_code
;GSHMVRNVDVKSRIMDQYADWKGVRYRLGGSTKKGIDSSGFVQRTFREQFGLELPRSTYEQQEMGKSVSRSNLRTGDLVL
FRAGSTGRHVGIYIGNNQFVHASTSSGVIISSMNEPYWKKRYNEARRVLSRS
;
_entity_poly.pdbx_strand_id   A,B
#
# COMPACT_ATOMS: atom_id res chain seq x y z
N MET A 4 23.14 19.80 13.01
CA MET A 4 22.12 20.67 13.56
C MET A 4 21.33 19.92 14.64
N VAL A 5 20.92 20.62 15.70
CA VAL A 5 20.29 19.95 16.83
C VAL A 5 18.98 19.27 16.45
N ARG A 6 18.27 19.80 15.45
CA ARG A 6 17.03 19.18 15.01
C ARG A 6 17.29 17.74 14.55
N ASN A 7 18.28 17.56 13.69
CA ASN A 7 18.55 16.25 13.14
C ASN A 7 19.18 15.30 14.17
N VAL A 8 20.00 15.82 15.09
CA VAL A 8 20.58 14.96 16.12
C VAL A 8 19.50 14.40 17.03
N ASP A 9 18.53 15.24 17.45
CA ASP A 9 17.44 14.74 18.28
C ASP A 9 16.58 13.71 17.55
N VAL A 10 16.26 13.98 16.28
CA VAL A 10 15.42 13.06 15.50
C VAL A 10 16.13 11.72 15.30
N LYS A 11 17.42 11.75 14.96
CA LYS A 11 18.18 10.51 14.81
C LYS A 11 18.25 9.76 16.13
N SER A 12 18.54 10.47 17.22
CA SER A 12 18.65 9.80 18.51
C SER A 12 17.38 9.04 18.85
N ARG A 13 16.22 9.59 18.49
CA ARG A 13 14.98 8.92 18.85
C ARG A 13 14.76 7.68 17.98
N ILE A 14 15.11 7.77 16.70
CA ILE A 14 15.02 6.62 15.81
C ILE A 14 15.94 5.50 16.29
N MET A 15 17.16 5.88 16.71
CA MET A 15 18.11 4.87 17.14
C MET A 15 17.71 4.29 18.50
N ASP A 16 17.04 5.09 19.33
CA ASP A 16 16.41 4.55 20.53
C ASP A 16 15.46 3.41 20.17
N GLN A 17 14.64 3.60 19.13
CA GLN A 17 13.74 2.53 18.71
C GLN A 17 14.53 1.37 18.13
N TYR A 18 15.48 1.66 17.25
CA TYR A 18 16.34 0.62 16.70
C TYR A 18 16.97 -0.21 17.80
N ALA A 19 17.57 0.46 18.80
CA ALA A 19 18.26 -0.28 19.84
C ALA A 19 17.32 -1.24 20.53
N ASP A 20 16.06 -0.83 20.70
CA ASP A 20 15.10 -1.70 21.36
C ASP A 20 14.61 -2.84 20.46
N TRP A 21 14.80 -2.74 19.13
CA TRP A 21 14.23 -3.71 18.21
C TRP A 21 15.26 -4.47 17.38
N LYS A 22 16.56 -4.22 17.59
CA LYS A 22 17.59 -4.80 16.74
C LYS A 22 17.51 -6.31 16.77
N GLY A 23 17.51 -6.91 15.58
CA GLY A 23 17.48 -8.34 15.43
C GLY A 23 16.10 -8.96 15.36
N VAL A 24 15.05 -8.26 15.80
CA VAL A 24 13.70 -8.78 15.67
C VAL A 24 13.48 -9.23 14.23
N ARG A 25 13.04 -10.48 14.07
CA ARG A 25 13.04 -11.14 12.77
C ARG A 25 11.92 -10.61 11.87
N TYR A 26 12.12 -10.77 10.56
CA TYR A 26 11.13 -10.34 9.61
C TYR A 26 9.98 -11.34 9.57
N ARG A 27 8.75 -10.81 9.67
CA ARG A 27 7.54 -11.60 9.52
C ARG A 27 6.52 -10.75 8.78
N LEU A 28 5.97 -11.27 7.68
CA LEU A 28 4.97 -10.53 6.93
C LEU A 28 3.70 -10.39 7.76
N GLY A 29 3.21 -9.16 7.88
CA GLY A 29 2.02 -8.89 8.65
C GLY A 29 2.24 -8.86 10.14
N GLY A 30 3.48 -9.02 10.60
CA GLY A 30 3.74 -8.94 12.03
C GLY A 30 3.94 -7.52 12.49
N SER A 31 3.69 -7.30 13.79
CA SER A 31 3.77 -5.96 14.34
C SER A 31 4.24 -5.97 15.78
N THR A 32 4.99 -6.99 16.18
CA THR A 32 5.44 -7.16 17.54
C THR A 32 6.89 -7.60 17.54
N LYS A 33 7.46 -7.75 18.74
CA LYS A 33 8.83 -8.23 18.80
C LYS A 33 8.95 -9.72 18.49
N LYS A 34 7.83 -10.45 18.37
CA LYS A 34 7.92 -11.80 17.81
C LYS A 34 8.25 -11.81 16.34
N GLY A 35 8.16 -10.67 15.66
CA GLY A 35 8.41 -10.56 14.24
C GLY A 35 7.65 -9.38 13.65
N ILE A 36 8.28 -8.65 12.73
CA ILE A 36 7.68 -7.42 12.19
C ILE A 36 8.11 -7.27 10.75
N ASP A 37 7.27 -6.63 9.92
CA ASP A 37 7.65 -6.32 8.56
C ASP A 37 8.08 -4.84 8.43
N SER A 38 8.41 -4.45 7.21
CA SER A 38 9.09 -3.16 7.00
C SER A 38 8.16 -1.99 7.28
N SER A 39 6.95 -2.01 6.71
CA SER A 39 5.97 -0.98 7.00
C SER A 39 5.55 -1.02 8.47
N GLY A 40 5.45 -2.21 9.05
CA GLY A 40 5.10 -2.30 10.45
C GLY A 40 6.11 -1.65 11.36
N PHE A 41 7.40 -1.93 11.15
CA PHE A 41 8.42 -1.32 11.98
C PHE A 41 8.41 0.21 11.84
N VAL A 42 8.16 0.70 10.63
CA VAL A 42 8.10 2.14 10.40
C VAL A 42 6.93 2.76 11.14
N GLN A 43 5.71 2.24 10.89
CA GLN A 43 4.53 2.73 11.58
C GLN A 43 4.73 2.72 13.09
N ARG A 44 5.31 1.64 13.60
CA ARG A 44 5.52 1.50 15.03
C ARG A 44 6.48 2.55 15.56
N THR A 45 7.56 2.82 14.82
CA THR A 45 8.57 3.77 15.30
C THR A 45 7.99 5.18 15.36
N PHE A 46 7.37 5.63 14.28
CA PHE A 46 6.86 6.99 14.26
C PHE A 46 5.75 7.19 15.28
N ARG A 47 4.92 6.18 15.52
CA ARG A 47 3.90 6.31 16.55
C ARG A 47 4.52 6.53 17.93
N GLU A 48 5.50 5.69 18.28
CA GLU A 48 6.02 5.67 19.64
C GLU A 48 7.06 6.75 19.89
N GLN A 49 7.79 7.15 18.86
CA GLN A 49 8.89 8.09 19.02
C GLN A 49 8.49 9.52 18.68
N PHE A 50 7.50 9.70 17.80
CA PHE A 50 7.17 11.04 17.34
C PHE A 50 5.68 11.35 17.41
N GLY A 51 4.86 10.43 17.92
CA GLY A 51 3.43 10.65 18.01
C GLY A 51 2.79 10.96 16.67
N LEU A 52 3.28 10.33 15.61
CA LEU A 52 2.78 10.53 14.26
C LEU A 52 2.24 9.21 13.74
N GLU A 53 0.94 9.16 13.45
CA GLU A 53 0.26 7.92 13.06
C GLU A 53 0.36 7.75 11.56
N LEU A 54 1.06 6.72 11.14
CA LEU A 54 1.20 6.36 9.75
C LEU A 54 0.31 5.18 9.43
N PRO A 55 -0.12 5.04 8.18
CA PRO A 55 -0.93 3.88 7.80
C PRO A 55 -0.08 2.61 7.81
N ARG A 56 -0.76 1.47 7.63
CA ARG A 56 -0.16 0.20 7.98
C ARG A 56 0.83 -0.32 6.94
N SER A 57 0.57 -0.08 5.66
CA SER A 57 1.28 -0.78 4.58
C SER A 57 2.19 0.17 3.80
N THR A 58 3.14 -0.44 3.08
CA THR A 58 4.13 0.36 2.33
C THR A 58 3.45 1.27 1.31
N TYR A 59 2.46 0.73 0.58
CA TYR A 59 1.84 1.53 -0.48
C TYR A 59 1.08 2.71 0.10
N GLU A 60 0.53 2.57 1.30
CA GLU A 60 -0.14 3.71 1.91
C GLU A 60 0.86 4.74 2.39
N GLN A 61 1.96 4.28 3.02
CA GLN A 61 2.98 5.19 3.52
C GLN A 61 3.64 5.98 2.39
N GLN A 62 3.85 5.33 1.24
CA GLN A 62 4.42 5.98 0.07
C GLN A 62 3.61 7.19 -0.39
N GLU A 63 2.40 7.37 0.13
CA GLU A 63 1.56 8.50 -0.22
C GLU A 63 1.53 9.58 0.84
N MET A 64 1.95 9.26 2.06
CA MET A 64 1.96 10.25 3.12
C MET A 64 3.02 11.30 2.84
N GLY A 65 2.84 12.47 3.46
CA GLY A 65 3.83 13.51 3.43
C GLY A 65 4.10 14.04 2.04
N LYS A 66 5.35 14.43 1.83
CA LYS A 66 5.80 15.11 0.62
C LYS A 66 6.96 14.32 0.01
N SER A 67 6.90 14.09 -1.29
CA SER A 67 8.00 13.43 -1.97
C SER A 67 9.28 14.23 -1.80
N VAL A 68 10.40 13.53 -1.79
CA VAL A 68 11.72 14.14 -1.61
C VAL A 68 12.67 13.46 -2.58
N SER A 69 13.47 14.26 -3.28
CA SER A 69 14.43 13.69 -4.21
C SER A 69 15.60 13.04 -3.47
N ARG A 70 16.21 12.05 -4.13
CA ARG A 70 17.31 11.29 -3.51
C ARG A 70 18.39 12.21 -2.97
N SER A 71 18.67 13.32 -3.64
CA SER A 71 19.73 14.23 -3.20
C SER A 71 19.28 15.19 -2.12
N ASN A 72 18.01 15.17 -1.73
CA ASN A 72 17.50 16.04 -0.67
C ASN A 72 17.14 15.26 0.57
N LEU A 73 17.62 14.01 0.68
CA LEU A 73 17.21 13.16 1.79
C LEU A 73 17.65 13.78 3.11
N ARG A 74 16.75 13.77 4.08
CA ARG A 74 17.00 14.26 5.41
C ARG A 74 16.66 13.15 6.40
N THR A 75 17.34 13.16 7.55
CA THR A 75 17.04 12.23 8.62
C THR A 75 15.55 12.23 8.95
N GLY A 76 14.98 11.05 9.14
CA GLY A 76 13.58 10.90 9.41
C GLY A 76 12.71 10.68 8.19
N ASP A 77 13.21 10.96 6.98
CA ASP A 77 12.45 10.66 5.77
C ASP A 77 12.27 9.15 5.60
N LEU A 78 11.13 8.75 5.05
CA LEU A 78 10.97 7.36 4.65
C LEU A 78 11.70 7.12 3.34
N VAL A 79 12.31 5.95 3.22
CA VAL A 79 12.93 5.53 1.96
C VAL A 79 12.21 4.28 1.50
N LEU A 80 11.89 4.23 0.21
CA LEU A 80 11.04 3.19 -0.35
C LEU A 80 11.76 2.53 -1.52
N PHE A 81 11.71 1.22 -1.56
CA PHE A 81 12.41 0.46 -2.57
C PHE A 81 11.43 -0.49 -3.23
N ARG A 82 11.62 -0.71 -4.52
CA ARG A 82 10.85 -1.72 -5.23
C ARG A 82 11.55 -3.04 -4.92
N ALA A 83 11.17 -3.68 -3.81
CA ALA A 83 11.92 -4.82 -3.31
C ALA A 83 11.02 -5.77 -2.53
N GLY A 84 11.25 -7.07 -2.70
CA GLY A 84 10.54 -8.07 -1.95
C GLY A 84 9.20 -8.46 -2.58
N SER A 85 8.57 -9.47 -1.98
CA SER A 85 7.43 -10.13 -2.61
C SER A 85 6.15 -9.30 -2.54
N THR A 86 6.04 -8.35 -1.60
CA THR A 86 4.89 -7.46 -1.66
C THR A 86 5.05 -6.36 -2.69
N GLY A 87 6.26 -6.21 -3.24
CA GLY A 87 6.52 -5.20 -4.23
C GLY A 87 7.04 -3.89 -3.70
N ARG A 88 6.99 -3.65 -2.38
CA ARG A 88 7.60 -2.47 -1.79
C ARG A 88 8.28 -2.81 -0.46
N HIS A 89 9.32 -2.04 -0.14
CA HIS A 89 10.05 -2.14 1.11
C HIS A 89 10.36 -0.73 1.58
N VAL A 90 10.20 -0.46 2.88
CA VAL A 90 10.35 0.90 3.41
C VAL A 90 11.29 0.90 4.62
N GLY A 91 12.12 1.94 4.70
CA GLY A 91 12.96 2.17 5.86
C GLY A 91 12.94 3.64 6.25
N ILE A 92 13.78 3.96 7.24
CA ILE A 92 13.89 5.33 7.77
C ILE A 92 15.33 5.80 7.60
N TYR A 93 15.51 6.86 6.82
CA TYR A 93 16.82 7.45 6.60
C TYR A 93 17.37 8.06 7.88
N ILE A 94 18.66 7.85 8.13
CA ILE A 94 19.26 8.26 9.39
C ILE A 94 20.58 9.00 9.18
N GLY A 95 20.80 9.51 7.97
CA GLY A 95 22.00 10.23 7.66
C GLY A 95 23.12 9.33 7.16
N ASN A 96 24.07 9.95 6.46
CA ASN A 96 25.27 9.24 5.99
C ASN A 96 24.91 8.03 5.13
N ASN A 97 23.88 8.16 4.29
CA ASN A 97 23.50 7.12 3.34
C ASN A 97 23.07 5.83 4.02
N GLN A 98 22.57 5.93 5.25
CA GLN A 98 22.12 4.75 5.98
C GLN A 98 20.63 4.84 6.28
N PHE A 99 20.02 3.68 6.52
CA PHE A 99 18.64 3.62 6.95
C PHE A 99 18.45 2.40 7.85
N VAL A 100 17.43 2.47 8.69
CA VAL A 100 17.01 1.34 9.53
C VAL A 100 15.71 0.78 8.95
N HIS A 101 15.55 -0.54 9.04
CA HIS A 101 14.38 -1.22 8.47
C HIS A 101 14.33 -2.64 9.01
N ALA A 102 13.17 -3.26 8.82
CA ALA A 102 12.98 -4.69 9.02
C ALA A 102 13.38 -5.38 7.73
N SER A 103 14.65 -5.75 7.64
CA SER A 103 15.15 -6.51 6.49
C SER A 103 14.62 -7.93 6.52
N THR A 104 14.36 -8.49 5.33
CA THR A 104 14.00 -9.90 5.27
C THR A 104 15.15 -10.76 5.76
N SER A 105 16.37 -10.47 5.27
CA SER A 105 17.47 -11.41 5.49
C SER A 105 17.97 -11.40 6.93
N SER A 106 17.79 -10.28 7.65
CA SER A 106 18.46 -10.15 8.93
C SER A 106 17.60 -9.53 10.03
N GLY A 107 16.30 -9.35 9.80
CA GLY A 107 15.59 -8.64 10.83
C GLY A 107 15.94 -7.15 10.86
N VAL A 108 15.62 -6.51 11.98
CA VAL A 108 15.80 -5.07 12.09
C VAL A 108 17.30 -4.77 12.12
N ILE A 109 17.77 -4.00 11.13
CA ILE A 109 19.19 -3.75 10.96
C ILE A 109 19.36 -2.36 10.37
N ILE A 110 20.58 -1.85 10.45
CA ILE A 110 21.04 -0.68 9.72
C ILE A 110 21.68 -1.16 8.42
N SER A 111 21.39 -0.46 7.33
CA SER A 111 21.95 -0.80 6.02
C SER A 111 22.31 0.47 5.31
N SER A 112 23.21 0.34 4.34
CA SER A 112 23.62 1.47 3.53
C SER A 112 22.82 1.51 2.23
N MET A 113 22.43 2.72 1.84
CA MET A 113 21.76 2.90 0.55
C MET A 113 22.66 2.55 -0.62
N ASN A 114 23.96 2.44 -0.40
CA ASN A 114 24.88 2.15 -1.49
C ASN A 114 25.13 0.66 -1.67
N GLU A 115 24.59 -0.19 -0.79
CA GLU A 115 24.64 -1.63 -1.03
C GLU A 115 23.97 -1.95 -2.36
N PRO A 116 24.59 -2.77 -3.22
CA PRO A 116 24.06 -2.95 -4.58
C PRO A 116 22.61 -3.32 -4.64
N TYR A 117 22.15 -4.20 -3.74
CA TYR A 117 20.77 -4.64 -3.83
C TYR A 117 19.80 -3.47 -3.63
N TRP A 118 20.03 -2.67 -2.57
CA TRP A 118 19.12 -1.56 -2.29
C TRP A 118 19.30 -0.42 -3.28
N LYS A 119 20.53 -0.19 -3.76
CA LYS A 119 20.77 0.88 -4.73
C LYS A 119 19.95 0.68 -6.00
N LYS A 120 19.97 -0.54 -6.55
CA LYS A 120 19.28 -0.81 -7.82
C LYS A 120 17.76 -0.68 -7.70
N ARG A 121 17.21 -0.81 -6.50
CA ARG A 121 15.76 -0.87 -6.32
C ARG A 121 15.18 0.38 -5.68
N TYR A 122 16.00 1.38 -5.41
CA TYR A 122 15.49 2.63 -4.83
C TYR A 122 14.32 3.15 -5.65
N ASN A 123 13.31 3.64 -4.96
CA ASN A 123 12.13 4.12 -5.68
C ASN A 123 11.75 5.55 -5.36
N GLU A 124 11.80 5.94 -4.08
CA GLU A 124 11.32 7.26 -3.70
C GLU A 124 11.66 7.50 -2.24
N ALA A 125 11.65 8.77 -1.87
CA ALA A 125 11.67 9.22 -0.50
C ALA A 125 10.37 9.95 -0.17
N ARG A 126 9.95 9.89 1.09
CA ARG A 126 8.86 10.72 1.59
C ARG A 126 9.28 11.38 2.89
N ARG A 127 9.03 12.68 3.01
CA ARG A 127 9.20 13.39 4.28
C ARG A 127 7.84 13.48 4.97
N VAL A 128 7.73 12.88 6.14
CA VAL A 128 6.47 12.86 6.88
C VAL A 128 6.52 13.64 8.18
N LEU A 129 7.67 14.18 8.57
CA LEU A 129 7.76 15.02 9.77
C LEU A 129 7.46 16.49 9.47
N SER A 130 7.93 16.98 8.33
CA SER A 130 7.88 18.41 8.02
C SER A 130 7.25 18.66 6.66
N MET B 4 -0.29 -18.41 1.43
CA MET B 4 0.22 -17.04 1.44
C MET B 4 0.78 -16.66 0.06
N VAL B 5 1.58 -17.53 -0.58
CA VAL B 5 2.35 -17.10 -1.74
C VAL B 5 1.46 -16.67 -2.91
N ARG B 6 0.39 -17.42 -3.18
CA ARG B 6 -0.53 -17.01 -4.24
C ARG B 6 -1.13 -15.64 -3.93
N ASN B 7 -1.54 -15.42 -2.68
CA ASN B 7 -2.24 -14.19 -2.36
C ASN B 7 -1.29 -13.00 -2.25
N VAL B 8 -0.05 -13.23 -1.82
CA VAL B 8 0.94 -12.16 -1.78
C VAL B 8 1.29 -11.71 -3.19
N ASP B 9 1.50 -12.66 -4.11
CA ASP B 9 1.78 -12.28 -5.49
C ASP B 9 0.60 -11.55 -6.13
N VAL B 10 -0.62 -12.05 -5.88
CA VAL B 10 -1.81 -11.39 -6.45
C VAL B 10 -1.95 -9.98 -5.90
N LYS B 11 -1.83 -9.82 -4.58
CA LYS B 11 -1.88 -8.48 -4.00
C LYS B 11 -0.79 -7.58 -4.55
N SER B 12 0.43 -8.11 -4.72
CA SER B 12 1.53 -7.28 -5.21
C SER B 12 1.22 -6.74 -6.60
N ARG B 13 0.57 -7.53 -7.44
CA ARG B 13 0.26 -7.04 -8.79
C ARG B 13 -0.81 -5.96 -8.74
N ILE B 14 -1.83 -6.15 -7.90
CA ILE B 14 -2.89 -5.13 -7.77
C ILE B 14 -2.30 -3.84 -7.24
N MET B 15 -1.40 -3.94 -6.25
CA MET B 15 -0.84 -2.74 -5.66
C MET B 15 0.11 -2.05 -6.62
N ASP B 16 0.79 -2.85 -7.46
CA ASP B 16 1.54 -2.27 -8.58
C ASP B 16 0.63 -1.37 -9.41
N GLN B 17 -0.56 -1.84 -9.76
CA GLN B 17 -1.47 -1.02 -10.57
C GLN B 17 -1.90 0.21 -9.78
N TYR B 18 -2.31 0.02 -8.53
CA TYR B 18 -2.69 1.15 -7.69
C TYR B 18 -1.60 2.19 -7.64
N ALA B 19 -0.35 1.76 -7.45
CA ALA B 19 0.75 2.73 -7.33
C ALA B 19 0.86 3.56 -8.60
N ASP B 20 0.65 2.92 -9.75
CA ASP B 20 0.72 3.68 -11.00
C ASP B 20 -0.49 4.58 -11.21
N TRP B 21 -1.61 4.31 -10.52
CA TRP B 21 -2.88 5.01 -10.77
C TRP B 21 -3.38 5.84 -9.61
N LYS B 22 -2.64 5.87 -8.50
CA LYS B 22 -3.09 6.56 -7.29
C LYS B 22 -3.53 7.99 -7.55
N GLY B 23 -4.74 8.32 -7.09
CA GLY B 23 -5.23 9.68 -7.17
C GLY B 23 -5.79 10.10 -8.51
N VAL B 24 -5.71 9.26 -9.55
CA VAL B 24 -6.39 9.57 -10.81
C VAL B 24 -7.85 9.89 -10.51
N ARG B 25 -8.32 11.03 -11.00
CA ARG B 25 -9.66 11.53 -10.67
C ARG B 25 -10.76 10.65 -11.23
N TYR B 26 -11.91 10.68 -10.57
CA TYR B 26 -13.08 9.95 -11.05
C TYR B 26 -13.71 10.69 -12.21
N ARG B 27 -14.02 9.96 -13.28
CA ARG B 27 -14.79 10.49 -14.40
C ARG B 27 -15.65 9.38 -14.95
N LEU B 28 -16.95 9.63 -15.04
CA LEU B 28 -17.87 8.64 -15.59
C LEU B 28 -17.50 8.35 -17.05
N GLY B 29 -17.34 7.06 -17.36
CA GLY B 29 -17.04 6.68 -18.71
C GLY B 29 -15.62 6.94 -19.14
N GLY B 30 -14.74 7.33 -18.22
CA GLY B 30 -13.34 7.48 -18.53
C GLY B 30 -12.59 6.17 -18.37
N SER B 31 -11.43 6.09 -19.02
CA SER B 31 -10.60 4.91 -18.89
C SER B 31 -9.12 5.24 -19.01
N THR B 32 -8.75 6.48 -18.76
CA THR B 32 -7.36 6.90 -18.87
C THR B 32 -6.94 7.54 -17.56
N LYS B 33 -5.67 7.95 -17.52
CA LYS B 33 -5.19 8.65 -16.34
C LYS B 33 -5.68 10.09 -16.28
N LYS B 34 -6.30 10.60 -17.35
CA LYS B 34 -7.06 11.85 -17.25
C LYS B 34 -8.30 11.69 -16.38
N GLY B 35 -8.73 10.46 -16.12
CA GLY B 35 -9.95 10.19 -15.36
C GLY B 35 -10.53 8.82 -15.66
N ILE B 36 -10.98 8.12 -14.63
CA ILE B 36 -11.46 6.75 -14.79
C ILE B 36 -12.58 6.50 -13.81
N ASP B 37 -13.52 5.62 -14.19
CA ASP B 37 -14.58 5.21 -13.28
C ASP B 37 -14.24 3.85 -12.65
N SER B 38 -15.17 3.38 -11.81
CA SER B 38 -14.84 2.26 -10.94
C SER B 38 -14.75 0.96 -11.73
N SER B 39 -15.66 0.76 -12.68
CA SER B 39 -15.58 -0.39 -13.58
C SER B 39 -14.41 -0.25 -14.54
N GLY B 40 -14.14 0.97 -15.02
CA GLY B 40 -12.98 1.17 -15.88
C GLY B 40 -11.68 0.83 -15.18
N PHE B 41 -11.54 1.24 -13.92
CA PHE B 41 -10.29 0.94 -13.22
C PHE B 41 -10.13 -0.55 -13.01
N VAL B 42 -11.23 -1.24 -12.64
CA VAL B 42 -11.18 -2.69 -12.42
C VAL B 42 -10.84 -3.41 -13.72
N GLN B 43 -11.54 -3.08 -14.81
CA GLN B 43 -11.30 -3.76 -16.08
C GLN B 43 -9.86 -3.59 -16.53
N ARG B 44 -9.31 -2.39 -16.36
CA ARG B 44 -7.95 -2.15 -16.81
C ARG B 44 -6.93 -2.86 -15.92
N THR B 45 -7.17 -2.90 -14.62
CA THR B 45 -6.23 -3.60 -13.74
C THR B 45 -6.15 -5.07 -14.11
N PHE B 46 -7.29 -5.73 -14.27
CA PHE B 46 -7.27 -7.16 -14.56
C PHE B 46 -6.69 -7.43 -15.93
N ARG B 47 -6.97 -6.56 -16.91
CA ARG B 47 -6.35 -6.72 -18.22
C ARG B 47 -4.84 -6.61 -18.13
N GLU B 48 -4.35 -5.56 -17.47
CA GLU B 48 -2.91 -5.30 -17.47
C GLU B 48 -2.14 -6.20 -16.52
N GLN B 49 -2.74 -6.61 -15.41
CA GLN B 49 -1.99 -7.32 -14.39
C GLN B 49 -2.18 -8.83 -14.46
N PHE B 50 -3.29 -9.31 -15.02
CA PHE B 50 -3.58 -10.73 -14.98
C PHE B 50 -4.02 -11.31 -16.31
N GLY B 51 -4.04 -10.51 -17.39
CA GLY B 51 -4.45 -11.00 -18.69
C GLY B 51 -5.85 -11.55 -18.70
N LEU B 52 -6.77 -10.88 -18.01
CA LEU B 52 -8.13 -11.36 -17.79
C LEU B 52 -9.08 -10.26 -18.22
N GLU B 53 -9.85 -10.48 -19.30
CA GLU B 53 -10.71 -9.48 -19.90
C GLU B 53 -12.05 -9.44 -19.20
N LEU B 54 -12.34 -8.34 -18.57
CA LEU B 54 -13.64 -8.14 -17.99
C LEU B 54 -14.47 -7.26 -18.91
N PRO B 55 -15.79 -7.37 -18.84
CA PRO B 55 -16.65 -6.43 -19.60
C PRO B 55 -16.54 -5.04 -19.03
N ARG B 56 -17.27 -4.07 -19.58
CA ARG B 56 -16.94 -2.67 -19.31
C ARG B 56 -17.54 -2.15 -18.00
N SER B 57 -18.79 -2.49 -17.70
CA SER B 57 -19.56 -1.81 -16.67
C SER B 57 -19.72 -2.66 -15.42
N THR B 58 -20.06 -1.98 -14.31
CA THR B 58 -20.32 -2.66 -13.05
C THR B 58 -21.32 -3.82 -13.22
N TYR B 59 -22.46 -3.56 -13.86
CA TYR B 59 -23.48 -4.61 -13.95
C TYR B 59 -22.98 -5.80 -14.77
N GLU B 60 -22.15 -5.56 -15.77
CA GLU B 60 -21.59 -6.67 -16.53
C GLU B 60 -20.59 -7.45 -15.69
N GLN B 61 -19.76 -6.73 -14.92
CA GLN B 61 -18.77 -7.40 -14.06
C GLN B 61 -19.45 -8.18 -12.93
N GLN B 62 -20.58 -7.69 -12.42
CA GLN B 62 -21.32 -8.36 -11.36
C GLN B 62 -21.73 -9.79 -11.73
N GLU B 63 -21.72 -10.14 -13.01
CA GLU B 63 -22.14 -11.46 -13.44
C GLU B 63 -20.97 -12.38 -13.76
N MET B 64 -19.76 -11.85 -13.85
CA MET B 64 -18.61 -12.68 -14.11
C MET B 64 -18.30 -13.51 -12.87
N GLY B 65 -17.56 -14.59 -13.09
CA GLY B 65 -17.09 -15.42 -11.99
C GLY B 65 -18.21 -16.10 -11.23
N LYS B 66 -17.90 -16.41 -9.97
CA LYS B 66 -18.84 -17.02 -9.05
C LYS B 66 -19.00 -16.10 -7.86
N SER B 67 -20.22 -16.02 -7.34
CA SER B 67 -20.45 -15.25 -6.13
C SER B 67 -19.62 -15.83 -4.99
N VAL B 68 -19.23 -14.96 -4.05
CA VAL B 68 -18.65 -15.39 -2.78
C VAL B 68 -19.32 -14.62 -1.68
N SER B 69 -19.57 -15.29 -0.56
CA SER B 69 -20.17 -14.64 0.59
C SER B 69 -19.18 -13.69 1.25
N ARG B 70 -19.72 -12.66 1.91
CA ARG B 70 -18.91 -11.61 2.52
C ARG B 70 -17.80 -12.17 3.39
N SER B 71 -18.05 -13.30 4.07
CA SER B 71 -17.09 -13.92 4.97
C SER B 71 -16.15 -14.88 4.27
N ASN B 72 -16.06 -14.81 2.94
CA ASN B 72 -15.18 -15.70 2.18
C ASN B 72 -14.36 -14.90 1.17
N LEU B 73 -14.31 -13.58 1.35
CA LEU B 73 -13.52 -12.74 0.48
C LEU B 73 -12.06 -13.17 0.49
N ARG B 74 -11.47 -13.21 -0.71
CA ARG B 74 -10.06 -13.49 -0.92
C ARG B 74 -9.48 -12.37 -1.77
N THR B 75 -8.18 -12.13 -1.64
CA THR B 75 -7.49 -11.15 -2.46
C THR B 75 -7.81 -11.34 -3.94
N GLY B 76 -8.17 -10.26 -4.61
CA GLY B 76 -8.48 -10.32 -6.02
C GLY B 76 -9.96 -10.41 -6.35
N ASP B 77 -10.81 -10.75 -5.38
CA ASP B 77 -12.25 -10.75 -5.60
C ASP B 77 -12.76 -9.34 -5.90
N LEU B 78 -13.76 -9.25 -6.78
CA LEU B 78 -14.45 -7.98 -6.96
C LEU B 78 -15.41 -7.75 -5.80
N VAL B 79 -15.47 -6.50 -5.33
CA VAL B 79 -16.47 -6.10 -4.35
C VAL B 79 -17.40 -5.09 -5.00
N LEU B 80 -18.70 -5.27 -4.79
CA LEU B 80 -19.72 -4.47 -5.46
C LEU B 80 -20.64 -3.86 -4.43
N PHE B 81 -20.95 -2.59 -4.61
CA PHE B 81 -21.74 -1.83 -3.65
C PHE B 81 -22.92 -1.19 -4.37
N ARG B 82 -24.08 -1.18 -3.74
CA ARG B 82 -25.16 -0.35 -4.25
C ARG B 82 -24.81 1.09 -3.93
N ALA B 83 -24.13 1.78 -4.84
CA ALA B 83 -23.60 3.09 -4.49
C ALA B 83 -23.43 3.96 -5.72
N GLY B 84 -23.70 5.26 -5.57
CA GLY B 84 -23.45 6.20 -6.63
C GLY B 84 -24.59 6.25 -7.64
N SER B 85 -24.45 7.20 -8.57
CA SER B 85 -25.57 7.58 -9.43
C SER B 85 -25.85 6.58 -10.54
N THR B 86 -24.89 5.69 -10.87
CA THR B 86 -25.21 4.60 -11.78
C THR B 86 -25.87 3.43 -11.06
N GLY B 87 -25.99 3.50 -9.73
CA GLY B 87 -26.62 2.44 -8.97
C GLY B 87 -25.69 1.33 -8.54
N ARG B 88 -24.42 1.37 -8.95
CA ARG B 88 -23.48 0.28 -8.71
C ARG B 88 -22.05 0.83 -8.72
N HIS B 89 -21.21 0.33 -7.80
CA HIS B 89 -19.82 0.74 -7.65
C HIS B 89 -18.94 -0.48 -7.34
N VAL B 90 -17.79 -0.59 -8.00
CA VAL B 90 -16.99 -1.82 -7.89
C VAL B 90 -15.56 -1.51 -7.47
N GLY B 91 -14.97 -2.42 -6.72
CA GLY B 91 -13.58 -2.33 -6.30
C GLY B 91 -12.94 -3.71 -6.26
N ILE B 92 -11.68 -3.76 -5.83
CA ILE B 92 -10.92 -5.01 -5.75
C ILE B 92 -10.47 -5.23 -4.31
N TYR B 93 -10.89 -6.35 -3.73
CA TYR B 93 -10.50 -6.70 -2.36
C TYR B 93 -9.01 -7.05 -2.29
N ILE B 94 -8.32 -6.52 -1.28
CA ILE B 94 -6.88 -6.71 -1.16
C ILE B 94 -6.49 -7.24 0.21
N GLY B 95 -7.44 -7.82 0.94
CA GLY B 95 -7.17 -8.33 2.26
C GLY B 95 -7.37 -7.30 3.35
N ASN B 96 -7.42 -7.78 4.59
CA ASN B 96 -7.50 -6.92 5.77
C ASN B 96 -8.68 -5.95 5.68
N ASN B 97 -9.81 -6.43 5.14
CA ASN B 97 -11.03 -5.63 5.03
C ASN B 97 -10.80 -4.34 4.25
N GLN B 98 -9.85 -4.34 3.32
CA GLN B 98 -9.61 -3.18 2.48
C GLN B 98 -9.86 -3.54 1.02
N PHE B 99 -10.15 -2.51 0.22
CA PHE B 99 -10.29 -2.68 -1.21
C PHE B 99 -9.74 -1.45 -1.92
N VAL B 100 -9.38 -1.63 -3.19
CA VAL B 100 -8.87 -0.56 -4.03
C VAL B 100 -9.91 -0.26 -5.12
N HIS B 101 -10.08 1.02 -5.45
CA HIS B 101 -11.13 1.40 -6.39
C HIS B 101 -10.95 2.86 -6.84
N ALA B 102 -11.75 3.23 -7.85
CA ALA B 102 -11.86 4.59 -8.36
C ALA B 102 -13.03 5.27 -7.63
N SER B 103 -12.71 5.89 -6.49
CA SER B 103 -13.72 6.55 -5.66
C SER B 103 -14.19 7.86 -6.28
N THR B 104 -15.49 8.16 -6.12
CA THR B 104 -15.97 9.46 -6.56
C THR B 104 -15.27 10.58 -5.81
N SER B 105 -15.17 10.46 -4.49
CA SER B 105 -14.74 11.60 -3.70
C SER B 105 -13.25 11.87 -3.86
N SER B 106 -12.45 10.87 -4.18
CA SER B 106 -11.01 11.06 -4.07
C SER B 106 -10.21 10.43 -5.19
N GLY B 107 -10.85 9.96 -6.27
CA GLY B 107 -10.06 9.24 -7.24
C GLY B 107 -9.65 7.86 -6.73
N VAL B 108 -8.62 7.31 -7.37
CA VAL B 108 -8.17 5.95 -7.04
C VAL B 108 -7.53 5.94 -5.67
N ILE B 109 -8.08 5.15 -4.74
CA ILE B 109 -7.66 5.11 -3.34
C ILE B 109 -7.86 3.71 -2.80
N ILE B 110 -7.28 3.46 -1.63
CA ILE B 110 -7.57 2.30 -0.79
C ILE B 110 -8.61 2.70 0.24
N SER B 111 -9.61 1.86 0.44
CA SER B 111 -10.66 2.13 1.41
C SER B 111 -10.91 0.86 2.21
N SER B 112 -11.48 1.05 3.39
CA SER B 112 -11.86 -0.08 4.24
C SER B 112 -13.32 -0.48 4.02
N MET B 113 -13.54 -1.78 3.90
CA MET B 113 -14.90 -2.30 3.85
C MET B 113 -15.72 -1.87 5.06
N ASN B 114 -15.08 -1.37 6.10
CA ASN B 114 -15.77 -1.04 7.34
C ASN B 114 -16.15 0.43 7.45
N GLU B 115 -15.68 1.28 6.55
CA GLU B 115 -16.15 2.66 6.52
C GLU B 115 -17.67 2.68 6.42
N PRO B 116 -18.37 3.43 7.29
CA PRO B 116 -19.84 3.35 7.34
C PRO B 116 -20.52 3.40 5.99
N TYR B 117 -20.10 4.32 5.12
CA TYR B 117 -20.72 4.47 3.81
C TYR B 117 -20.63 3.16 3.02
N TRP B 118 -19.45 2.53 2.99
CA TRP B 118 -19.34 1.32 2.20
C TRP B 118 -19.97 0.12 2.89
N LYS B 119 -19.99 0.10 4.22
CA LYS B 119 -20.51 -1.04 4.98
C LYS B 119 -22.00 -1.26 4.70
N LYS B 120 -22.79 -0.20 4.75
CA LYS B 120 -24.24 -0.37 4.59
C LYS B 120 -24.65 -0.48 3.13
N ARG B 121 -23.76 -0.23 2.18
CA ARG B 121 -24.08 -0.36 0.77
C ARG B 121 -23.46 -1.59 0.14
N TYR B 122 -22.77 -2.42 0.91
CA TYR B 122 -22.21 -3.65 0.34
C TYR B 122 -23.29 -4.50 -0.31
N ASN B 123 -22.99 -5.03 -1.49
CA ASN B 123 -24.01 -5.81 -2.19
C ASN B 123 -23.56 -7.21 -2.55
N GLU B 124 -22.31 -7.41 -2.96
CA GLU B 124 -21.89 -8.73 -3.43
C GLU B 124 -20.38 -8.78 -3.63
N ALA B 125 -19.88 -10.01 -3.75
CA ALA B 125 -18.52 -10.25 -4.17
C ALA B 125 -18.50 -11.30 -5.27
N ARG B 126 -17.56 -11.14 -6.22
CA ARG B 126 -17.35 -12.10 -7.31
C ARG B 126 -15.89 -12.48 -7.35
N ARG B 127 -15.61 -13.78 -7.49
CA ARG B 127 -14.26 -14.28 -7.74
C ARG B 127 -14.08 -14.51 -9.24
N VAL B 128 -13.20 -13.72 -9.87
CA VAL B 128 -13.01 -13.80 -11.31
C VAL B 128 -11.74 -14.55 -11.73
N LEU B 129 -10.78 -14.75 -10.81
CA LEU B 129 -9.52 -15.40 -11.17
C LEU B 129 -9.61 -16.94 -11.24
#